data_8RNR
#
_entry.id   8RNR
#
_cell.length_a   76.122
_cell.length_b   76.122
_cell.length_c   186.552
_cell.angle_alpha   90.00
_cell.angle_beta   90.00
_cell.angle_gamma   90.00
#
_symmetry.space_group_name_H-M   'P 43 21 2'
#
loop_
_entity.id
_entity.type
_entity.pdbx_description
1 polymer 'Unspecific peroxygenase'
2 non-polymer 2-acetamido-2-deoxy-beta-D-glucopyranose
3 non-polymer 'PROTOPORPHYRIN IX CONTAINING FE'
4 non-polymer TETRADECANE
5 non-polymer GLYCEROL
6 non-polymer DI(HYDROXYETHYL)ETHER
7 non-polymer 'MAGNESIUM ION'
8 non-polymer 'SULFATE ION'
9 non-polymer METHANOL
10 water water
#
_entity_poly.entity_id   1
_entity_poly.type   'polypeptide(L)'
_entity_poly.pdbx_seq_one_letter_code
;AVDFSAHPWKAPGPNDSRGPCPGLNTLANHGFLPRNGRNISVPMIVKAGFEGYNVQSDILILAGKVGMLTSREADTISLE
DLKLHGTIEHDASLSREDVAIGDNLHFNEAIFTTLANSNPGADVYNISSAAQVQHDRLADSVARNPNVTNTDLTATIRSS
ESAFYLTVMSAGDPLRGEAPKKFVNVFFQEERMPIKEGWKRSTTPINLPLLGPIIDRITELSDWKPTGDNCGAIVLGPGL
;
_entity_poly.pdbx_strand_id   A,B
#
loop_
_chem_comp.id
_chem_comp.type
_chem_comp.name
_chem_comp.formula
C14 non-polymer TETRADECANE 'C14 H30'
GOL non-polymer GLYCEROL 'C3 H8 O3'
HEM non-polymer 'PROTOPORPHYRIN IX CONTAINING FE' 'C34 H32 Fe N4 O4'
MG non-polymer 'MAGNESIUM ION' 'Mg 2'
MOH non-polymer METHANOL 'C H4 O'
NAG D-saccharide, beta linking 2-acetamido-2-deoxy-beta-D-glucopyranose 'C8 H15 N O6'
PEG non-polymer DI(HYDROXYETHYL)ETHER 'C4 H10 O3'
SO4 non-polymer 'SULFATE ION' 'O4 S -2'
#
# COMPACT_ATOMS: atom_id res chain seq x y z
N ALA A 1 -17.99 26.37 4.21
CA ALA A 1 -18.71 26.24 2.92
C ALA A 1 -17.68 26.17 1.79
N VAL A 2 -17.99 25.42 0.73
CA VAL A 2 -17.12 25.39 -0.43
C VAL A 2 -17.61 26.42 -1.46
N ASP A 3 -16.70 27.29 -1.89
CA ASP A 3 -17.03 28.34 -2.84
C ASP A 3 -16.25 28.04 -4.13
N PHE A 4 -16.93 27.52 -5.16
CA PHE A 4 -16.24 27.19 -6.40
C PHE A 4 -15.69 28.44 -7.10
N SER A 5 -16.35 29.59 -6.91
CA SER A 5 -15.85 30.83 -7.50
C SER A 5 -14.50 31.21 -6.88
N ALA A 6 -14.20 30.72 -5.67
CA ALA A 6 -12.93 30.93 -4.99
C ALA A 6 -11.86 29.93 -5.45
N HIS A 7 -12.23 29.05 -6.41
CA HIS A 7 -11.36 27.99 -6.90
C HIS A 7 -11.26 28.08 -8.42
N PRO A 8 -10.66 29.14 -8.97
CA PRO A 8 -10.49 29.27 -10.41
C PRO A 8 -9.48 28.27 -10.98
N TRP A 9 -9.72 27.84 -12.21
CA TRP A 9 -8.72 27.08 -12.96
C TRP A 9 -7.52 27.96 -13.27
N LYS A 10 -6.30 27.43 -13.06
CA LYS A 10 -5.08 28.03 -13.56
C LYS A 10 -4.20 26.95 -14.15
N ALA A 11 -3.62 27.22 -15.32
CA ALA A 11 -2.70 26.30 -15.95
C ALA A 11 -1.54 26.02 -15.01
N PRO A 12 -1.09 24.76 -14.86
CA PRO A 12 0.11 24.47 -14.09
C PRO A 12 1.36 25.08 -14.72
N GLY A 13 2.24 25.63 -13.90
CA GLY A 13 3.53 26.11 -14.37
C GLY A 13 4.46 24.92 -14.62
N PRO A 14 5.69 25.14 -15.16
CA PRO A 14 6.57 24.03 -15.52
C PRO A 14 7.12 23.24 -14.33
N ASN A 15 7.06 23.81 -13.14
CA ASN A 15 7.59 23.14 -11.96
C ASN A 15 6.45 22.79 -10.99
N ASP A 16 5.18 22.89 -11.43
CA ASP A 16 4.04 22.35 -10.69
C ASP A 16 3.92 20.86 -11.00
N SER A 17 3.90 20.00 -9.98
CA SER A 17 3.87 18.56 -10.17
C SER A 17 2.47 18.13 -10.62
N ARG A 18 2.41 17.37 -11.71
CA ARG A 18 1.17 16.80 -12.18
C ARG A 18 1.45 15.33 -12.49
N GLY A 19 0.39 14.52 -12.42
CA GLY A 19 0.53 13.08 -12.53
C GLY A 19 -0.28 12.50 -13.67
N PRO A 20 -0.45 11.16 -13.67
CA PRO A 20 -1.23 10.49 -14.71
C PRO A 20 -2.74 10.50 -14.47
N CYS A 21 -3.17 11.07 -13.34
CA CYS A 21 -4.58 11.07 -12.96
C CYS A 21 -5.22 12.42 -13.24
N PRO A 22 -6.21 12.47 -14.16
CA PRO A 22 -6.93 13.72 -14.42
C PRO A 22 -7.78 14.17 -13.23
N GLY A 23 -8.21 13.23 -12.39
CA GLY A 23 -9.03 13.59 -11.24
C GLY A 23 -8.25 14.48 -10.26
N LEU A 24 -7.07 14.02 -9.87
CA LEU A 24 -6.23 14.75 -8.92
C LEU A 24 -5.63 15.98 -9.59
N ASN A 25 -5.26 15.88 -10.88
CA ASN A 25 -4.67 17.04 -11.57
C ASN A 25 -5.67 18.20 -11.62
N THR A 26 -6.93 17.88 -11.88
CA THR A 26 -7.99 18.88 -12.00
C THR A 26 -8.20 19.53 -10.63
N LEU A 27 -8.18 18.73 -9.55
CA LEU A 27 -8.33 19.30 -8.21
C LEU A 27 -7.19 20.29 -7.93
N ALA A 28 -5.95 19.94 -8.31
CA ALA A 28 -4.80 20.80 -8.12
C ALA A 28 -4.94 22.08 -8.96
N ASN A 29 -5.45 21.95 -10.19
CA ASN A 29 -5.54 23.08 -11.12
C ASN A 29 -6.59 24.08 -10.65
N HIS A 30 -7.44 23.66 -9.71
CA HIS A 30 -8.44 24.54 -9.11
C HIS A 30 -8.12 24.85 -7.65
N GLY A 31 -6.96 24.42 -7.13
CA GLY A 31 -6.55 24.73 -5.77
C GLY A 31 -7.33 23.98 -4.68
N PHE A 32 -8.09 22.94 -5.05
CA PHE A 32 -8.66 22.03 -4.06
C PHE A 32 -7.54 21.17 -3.43
N LEU A 33 -6.56 20.78 -4.26
CA LEU A 33 -5.25 20.35 -3.79
C LEU A 33 -4.27 21.48 -4.07
N PRO A 34 -3.08 21.48 -3.41
CA PRO A 34 -2.06 22.50 -3.63
C PRO A 34 -1.76 22.64 -5.12
N ARG A 35 -1.71 23.88 -5.61
CA ARG A 35 -1.47 24.07 -7.03
C ARG A 35 -0.09 23.57 -7.45
N ASN A 36 0.87 23.51 -6.52
CA ASN A 36 2.21 23.01 -6.86
C ASN A 36 2.22 21.48 -6.96
N GLY A 37 1.14 20.82 -6.55
CA GLY A 37 1.05 19.36 -6.67
C GLY A 37 1.97 18.60 -5.72
N ARG A 38 2.44 19.23 -4.63
CA ARG A 38 3.44 18.64 -3.75
CA ARG A 38 3.42 18.60 -3.75
C ARG A 38 2.88 18.53 -2.32
N ASN A 39 3.49 17.63 -1.53
CA ASN A 39 3.22 17.51 -0.11
C ASN A 39 1.75 17.14 0.13
N ILE A 40 1.22 16.18 -0.66
CA ILE A 40 -0.18 15.82 -0.64
C ILE A 40 -0.35 14.52 0.16
N SER A 41 -1.20 14.61 1.20
CA SER A 41 -1.52 13.51 2.09
C SER A 41 -2.85 12.88 1.71
N VAL A 42 -3.18 11.72 2.30
CA VAL A 42 -4.48 11.13 2.02
C VAL A 42 -5.57 11.99 2.62
N PRO A 43 -5.45 12.56 3.85
CA PRO A 43 -6.48 13.48 4.34
C PRO A 43 -6.78 14.62 3.37
N MET A 44 -5.73 15.16 2.73
CA MET A 44 -5.90 16.26 1.79
C MET A 44 -6.70 15.80 0.55
N ILE A 45 -6.38 14.59 0.07
CA ILE A 45 -7.08 14.00 -1.07
C ILE A 45 -8.55 13.77 -0.72
N VAL A 46 -8.82 13.21 0.48
CA VAL A 46 -10.18 12.95 0.92
C VAL A 46 -10.98 14.24 0.90
N LYS A 47 -10.45 15.30 1.51
CA LYS A 47 -11.16 16.56 1.60
C LYS A 47 -11.36 17.18 0.20
N ALA A 48 -10.32 17.14 -0.63
CA ALA A 48 -10.37 17.71 -1.97
C ALA A 48 -11.41 17.01 -2.84
N GLY A 49 -11.41 15.68 -2.82
CA GLY A 49 -12.34 14.89 -3.64
C GLY A 49 -13.79 15.09 -3.19
N PHE A 50 -13.99 15.32 -1.89
CA PHE A 50 -15.32 15.61 -1.37
C PHE A 50 -15.78 16.98 -1.84
N GLU A 51 -14.95 17.99 -1.60
CA GLU A 51 -15.29 19.37 -1.94
C GLU A 51 -15.51 19.54 -3.44
N GLY A 52 -14.60 19.01 -4.26
CA GLY A 52 -14.66 19.23 -5.69
C GLY A 52 -15.70 18.37 -6.40
N TYR A 53 -15.86 17.10 -5.99
CA TYR A 53 -16.55 16.11 -6.81
C TYR A 53 -17.66 15.37 -6.05
N ASN A 54 -17.73 15.53 -4.73
CA ASN A 54 -18.62 14.78 -3.86
C ASN A 54 -18.25 13.29 -3.91
N VAL A 55 -16.94 13.01 -4.07
CA VAL A 55 -16.45 11.64 -3.96
C VAL A 55 -16.15 11.38 -2.49
N GLN A 56 -16.56 10.21 -1.98
CA GLN A 56 -16.54 9.94 -0.55
C GLN A 56 -15.23 9.30 -0.12
N SER A 57 -15.02 9.25 1.20
CA SER A 57 -13.76 8.84 1.79
C SER A 57 -13.47 7.36 1.57
N ASP A 58 -14.49 6.52 1.38
CA ASP A 58 -14.27 5.09 1.22
C ASP A 58 -13.29 4.81 0.08
N ILE A 59 -13.57 5.30 -1.12
CA ILE A 59 -12.72 5.01 -2.28
C ILE A 59 -11.41 5.79 -2.17
N LEU A 60 -11.46 7.02 -1.62
CA LEU A 60 -10.29 7.88 -1.61
C LEU A 60 -9.26 7.45 -0.58
N ILE A 61 -9.71 6.87 0.55
CA ILE A 61 -8.78 6.33 1.53
C ILE A 61 -8.09 5.09 0.95
N LEU A 62 -8.87 4.20 0.34
CA LEU A 62 -8.38 2.95 -0.23
C LEU A 62 -7.34 3.24 -1.32
N ALA A 63 -7.73 4.06 -2.30
CA ALA A 63 -6.84 4.41 -3.41
C ALA A 63 -5.70 5.30 -2.95
N GLY A 64 -6.00 6.27 -2.08
CA GLY A 64 -5.01 7.19 -1.57
C GLY A 64 -3.82 6.48 -0.89
N LYS A 65 -4.12 5.50 -0.01
CA LYS A 65 -3.05 4.86 0.72
C LYS A 65 -2.18 4.00 -0.21
N VAL A 66 -2.78 3.44 -1.26
CA VAL A 66 -1.99 2.71 -2.26
C VAL A 66 -1.10 3.70 -2.99
N GLY A 67 -1.66 4.88 -3.33
CA GLY A 67 -0.88 5.91 -3.99
C GLY A 67 0.28 6.42 -3.14
N MET A 68 0.13 6.41 -1.81
CA MET A 68 1.18 6.87 -0.93
C MET A 68 2.44 6.01 -1.12
N LEU A 69 2.28 4.74 -1.53
CA LEU A 69 3.43 3.86 -1.68
C LEU A 69 4.39 4.37 -2.74
N THR A 70 3.95 5.24 -3.66
CA THR A 70 4.77 5.62 -4.81
C THR A 70 5.86 6.63 -4.44
N SER A 71 5.82 7.24 -3.25
CA SER A 71 6.81 8.22 -2.84
C SER A 71 7.80 7.61 -1.84
N ARG A 72 8.84 8.39 -1.50
CA ARG A 72 9.82 8.03 -0.48
CA ARG A 72 9.80 8.01 -0.47
C ARG A 72 9.49 8.72 0.85
N GLU A 73 8.38 9.46 0.91
CA GLU A 73 8.08 10.25 2.10
C GLU A 73 7.15 9.45 3.02
N ALA A 74 7.11 9.83 4.30
CA ALA A 74 6.36 9.11 5.31
C ALA A 74 4.85 9.13 5.05
N ASP A 75 4.28 10.28 4.62
CA ASP A 75 2.83 10.34 4.52
C ASP A 75 2.34 11.29 3.42
N THR A 76 3.19 11.59 2.44
CA THR A 76 2.79 12.48 1.36
C THR A 76 3.38 12.00 0.04
N ILE A 77 2.81 12.53 -1.05
CA ILE A 77 3.31 12.31 -2.41
C ILE A 77 3.37 13.66 -3.12
N SER A 78 4.08 13.67 -4.25
CA SER A 78 3.85 14.61 -5.33
CA SER A 78 3.84 14.62 -5.33
C SER A 78 2.92 13.94 -6.33
N LEU A 79 2.10 14.71 -7.06
CA LEU A 79 1.22 14.08 -8.03
C LEU A 79 2.03 13.28 -9.05
N GLU A 80 3.21 13.79 -9.47
CA GLU A 80 4.00 13.09 -10.47
C GLU A 80 4.44 11.70 -9.98
N ASP A 81 4.62 11.53 -8.66
CA ASP A 81 5.03 10.24 -8.11
C ASP A 81 4.09 9.11 -8.56
N LEU A 82 2.81 9.41 -8.77
CA LEU A 82 1.80 8.41 -9.10
C LEU A 82 2.05 7.73 -10.45
N LYS A 83 2.99 8.25 -11.25
CA LYS A 83 3.30 7.59 -12.53
C LYS A 83 4.04 6.27 -12.31
N LEU A 84 4.44 5.95 -11.08
CA LEU A 84 5.23 4.76 -10.80
C LEU A 84 4.51 3.53 -11.35
N HIS A 85 5.14 2.87 -12.33
CA HIS A 85 4.46 1.83 -13.09
C HIS A 85 4.26 0.60 -12.20
N GLY A 86 3.03 0.08 -12.18
CA GLY A 86 2.74 -1.17 -11.50
C GLY A 86 2.34 -1.03 -10.03
N THR A 87 2.24 0.19 -9.51
CA THR A 87 1.52 0.43 -8.26
C THR A 87 0.04 0.61 -8.61
N ILE A 88 -0.37 1.81 -9.05
CA ILE A 88 -1.66 1.99 -9.67
C ILE A 88 -1.51 2.13 -11.18
N GLU A 89 -0.52 2.91 -11.62
CA GLU A 89 -0.33 3.20 -13.04
C GLU A 89 -0.20 1.89 -13.81
N HIS A 90 -0.92 1.81 -14.93
CA HIS A 90 -1.09 0.59 -15.70
C HIS A 90 -1.03 0.90 -17.20
N ASP A 91 -0.88 -0.16 -17.99
CA ASP A 91 -1.00 -0.09 -19.45
C ASP A 91 -2.46 0.05 -19.85
N ALA A 92 -2.70 0.40 -21.13
CA ALA A 92 -4.03 0.51 -21.70
C ALA A 92 -4.82 1.59 -20.96
N SER A 93 -4.15 2.71 -20.72
CA SER A 93 -4.80 3.93 -20.22
C SER A 93 -5.67 4.55 -21.31
N LEU A 94 -6.58 5.44 -20.89
CA LEU A 94 -7.51 6.11 -21.79
C LEU A 94 -6.86 7.30 -22.50
N SER A 95 -5.81 7.88 -21.92
CA SER A 95 -5.31 9.20 -22.34
C SER A 95 -3.80 9.31 -22.21
N ARG A 96 -3.12 8.23 -21.76
CA ARG A 96 -1.67 8.18 -21.65
C ARG A 96 -1.16 6.98 -22.45
N GLU A 97 0.13 6.98 -22.79
CA GLU A 97 0.76 5.84 -23.46
C GLU A 97 1.27 4.85 -22.42
N ASP A 98 1.51 3.60 -22.86
CA ASP A 98 2.14 2.59 -22.02
C ASP A 98 3.61 2.98 -21.81
N VAL A 99 4.10 2.83 -20.57
CA VAL A 99 5.43 3.28 -20.20
C VAL A 99 6.51 2.62 -21.07
N ALA A 100 6.31 1.36 -21.48
CA ALA A 100 7.33 0.64 -22.23
C ALA A 100 7.53 1.18 -23.65
N ILE A 101 6.53 1.89 -24.18
CA ILE A 101 6.56 2.36 -25.56
C ILE A 101 6.27 3.85 -25.67
N GLY A 102 6.23 4.57 -24.54
CA GLY A 102 6.02 6.01 -24.57
C GLY A 102 5.86 6.61 -23.17
N ASP A 103 5.17 7.76 -23.16
CA ASP A 103 5.03 8.65 -22.01
C ASP A 103 3.76 8.26 -21.24
N ASN A 104 3.96 7.72 -20.02
CA ASN A 104 2.87 7.20 -19.22
C ASN A 104 2.33 8.28 -18.27
N LEU A 105 2.76 9.54 -18.46
CA LEU A 105 2.49 10.62 -17.51
C LEU A 105 1.52 11.65 -18.08
N HIS A 106 1.79 12.17 -19.28
CA HIS A 106 1.08 13.32 -19.83
C HIS A 106 -0.10 12.92 -20.70
N PHE A 107 -1.11 13.79 -20.72
CA PHE A 107 -2.23 13.66 -21.65
C PHE A 107 -1.70 13.55 -23.08
N ASN A 108 -2.23 12.56 -23.84
CA ASN A 108 -1.86 12.36 -25.24
C ASN A 108 -3.11 12.35 -26.12
N GLU A 109 -3.25 13.32 -27.02
CA GLU A 109 -4.47 13.46 -27.79
C GLU A 109 -4.71 12.23 -28.67
N ALA A 110 -3.65 11.67 -29.26
CA ALA A 110 -3.76 10.54 -30.16
C ALA A 110 -4.33 9.31 -29.45
N ILE A 111 -3.89 9.07 -28.21
CA ILE A 111 -4.43 7.98 -27.40
C ILE A 111 -5.91 8.27 -27.12
N PHE A 112 -6.19 9.51 -26.71
CA PHE A 112 -7.53 9.94 -26.30
C PHE A 112 -8.56 9.83 -27.42
N THR A 113 -8.11 9.73 -28.68
CA THR A 113 -9.01 9.67 -29.84
CA THR A 113 -9.01 9.68 -29.82
C THR A 113 -10.03 8.54 -29.69
N THR A 114 -9.61 7.39 -29.15
CA THR A 114 -10.50 6.26 -29.00
C THR A 114 -11.69 6.66 -28.12
N LEU A 115 -11.41 7.23 -26.94
CA LEU A 115 -12.49 7.69 -26.06
C LEU A 115 -13.31 8.79 -26.75
N ALA A 116 -12.64 9.78 -27.34
CA ALA A 116 -13.31 10.95 -27.92
C ALA A 116 -14.33 10.53 -28.98
N ASN A 117 -14.02 9.46 -29.72
CA ASN A 117 -14.83 8.99 -30.84
C ASN A 117 -15.84 7.92 -30.43
N SER A 118 -15.86 7.54 -29.13
CA SER A 118 -16.78 6.51 -28.65
C SER A 118 -18.23 7.03 -28.58
N ASN A 119 -19.18 6.10 -28.48
CA ASN A 119 -20.61 6.39 -28.45
C ASN A 119 -21.00 7.34 -29.59
N PRO A 120 -20.74 6.93 -30.84
CA PRO A 120 -21.16 7.72 -31.99
C PRO A 120 -22.67 7.95 -31.97
N GLY A 121 -23.09 9.17 -32.33
CA GLY A 121 -24.50 9.47 -32.48
C GLY A 121 -25.16 9.97 -31.20
N ALA A 122 -24.42 10.00 -30.09
CA ALA A 122 -24.94 10.50 -28.82
C ALA A 122 -24.06 11.64 -28.33
N ASP A 123 -24.58 12.45 -27.41
CA ASP A 123 -23.81 13.55 -26.83
C ASP A 123 -23.32 13.18 -25.43
N VAL A 124 -23.43 11.88 -25.05
CA VAL A 124 -22.91 11.39 -23.78
C VAL A 124 -21.99 10.19 -24.02
N TYR A 125 -21.05 9.96 -23.08
CA TYR A 125 -20.41 8.67 -22.93
C TYR A 125 -21.22 7.90 -21.88
N ASN A 126 -21.29 6.56 -22.00
CA ASN A 126 -22.06 5.77 -21.06
C ASN A 126 -21.35 4.45 -20.78
N ILE A 127 -22.03 3.52 -20.08
CA ILE A 127 -21.38 2.30 -19.67
C ILE A 127 -20.97 1.46 -20.88
N SER A 128 -21.82 1.35 -21.91
CA SER A 128 -21.47 0.47 -23.02
CA SER A 128 -21.49 0.48 -23.03
C SER A 128 -20.32 1.07 -23.84
N SER A 129 -20.32 2.40 -24.04
CA SER A 129 -19.21 3.05 -24.74
C SER A 129 -17.91 2.93 -23.94
N ALA A 130 -17.98 3.12 -22.62
CA ALA A 130 -16.80 3.01 -21.77
C ALA A 130 -16.18 1.61 -21.89
N ALA A 131 -17.04 0.59 -21.96
CA ALA A 131 -16.61 -0.80 -22.07
C ALA A 131 -15.91 -1.04 -23.41
N GLN A 132 -16.48 -0.50 -24.49
CA GLN A 132 -15.91 -0.64 -25.83
CA GLN A 132 -15.91 -0.62 -25.83
C GLN A 132 -14.52 -0.01 -25.86
N VAL A 133 -14.38 1.18 -25.26
CA VAL A 133 -13.11 1.88 -25.23
C VAL A 133 -12.06 1.03 -24.49
N GLN A 134 -12.42 0.47 -23.33
CA GLN A 134 -11.50 -0.38 -22.59
C GLN A 134 -11.07 -1.58 -23.45
N HIS A 135 -12.02 -2.24 -24.12
CA HIS A 135 -11.70 -3.37 -24.99
C HIS A 135 -10.66 -2.95 -26.06
N ASP A 136 -10.90 -1.80 -26.68
CA ASP A 136 -10.08 -1.33 -27.80
C ASP A 136 -8.69 -0.90 -27.32
N ARG A 137 -8.64 -0.22 -26.17
CA ARG A 137 -7.36 0.26 -25.64
C ARG A 137 -6.49 -0.94 -25.24
N LEU A 138 -7.09 -1.98 -24.63
CA LEU A 138 -6.33 -3.18 -24.27
C LEU A 138 -5.82 -3.88 -25.52
N ALA A 139 -6.66 -3.96 -26.57
CA ALA A 139 -6.24 -4.58 -27.82
C ALA A 139 -5.03 -3.85 -28.42
N ASP A 140 -5.05 -2.52 -28.36
CA ASP A 140 -3.95 -1.69 -28.82
C ASP A 140 -2.66 -2.04 -28.06
N SER A 141 -2.71 -2.11 -26.73
CA SER A 141 -1.54 -2.47 -25.94
C SER A 141 -1.04 -3.88 -26.27
N VAL A 142 -1.97 -4.82 -26.45
CA VAL A 142 -1.56 -6.19 -26.77
C VAL A 142 -0.86 -6.21 -28.13
N ALA A 143 -1.34 -5.38 -29.06
CA ALA A 143 -0.78 -5.34 -30.40
C ALA A 143 0.62 -4.70 -30.40
N ARG A 144 0.82 -3.63 -29.62
CA ARG A 144 1.96 -2.74 -29.83
C ARG A 144 2.98 -2.76 -28.70
N ASN A 145 2.65 -3.32 -27.53
CA ASN A 145 3.53 -3.22 -26.37
C ASN A 145 4.03 -4.61 -25.99
N PRO A 146 5.31 -4.97 -26.29
CA PRO A 146 5.82 -6.30 -25.95
C PRO A 146 5.97 -6.59 -24.47
N ASN A 147 5.80 -5.55 -23.63
CA ASN A 147 5.86 -5.69 -22.18
C ASN A 147 4.48 -5.48 -21.53
N VAL A 148 3.38 -5.56 -22.29
CA VAL A 148 2.03 -5.33 -21.78
C VAL A 148 1.76 -6.16 -20.53
N THR A 149 1.16 -5.52 -19.51
CA THR A 149 0.66 -6.20 -18.33
C THR A 149 -0.86 -6.02 -18.30
N ASN A 150 -1.57 -7.15 -18.21
CA ASN A 150 -3.02 -7.20 -18.17
C ASN A 150 -3.47 -8.25 -17.15
N THR A 151 -3.94 -7.81 -15.97
CA THR A 151 -4.34 -8.71 -14.90
C THR A 151 -5.76 -8.37 -14.45
N ASP A 152 -6.37 -9.24 -13.65
CA ASP A 152 -7.64 -8.94 -13.02
C ASP A 152 -7.58 -7.58 -12.34
N LEU A 153 -6.45 -7.30 -11.66
CA LEU A 153 -6.31 -6.06 -10.92
C LEU A 153 -6.25 -4.86 -11.87
N THR A 154 -5.40 -4.90 -12.91
CA THR A 154 -5.34 -3.76 -13.83
C THR A 154 -6.69 -3.54 -14.50
N ALA A 155 -7.39 -4.64 -14.85
CA ALA A 155 -8.69 -4.55 -15.51
C ALA A 155 -9.73 -3.87 -14.60
N THR A 156 -9.70 -4.20 -13.30
CA THR A 156 -10.61 -3.62 -12.33
C THR A 156 -10.32 -2.13 -12.13
N ILE A 157 -9.04 -1.78 -12.00
CA ILE A 157 -8.63 -0.39 -11.84
C ILE A 157 -9.10 0.42 -13.05
N ARG A 158 -8.93 -0.15 -14.26
CA ARG A 158 -9.31 0.52 -15.49
C ARG A 158 -10.82 0.78 -15.49
N SER A 159 -11.63 -0.20 -15.08
CA SER A 159 -13.07 0.00 -14.99
C SER A 159 -13.43 1.04 -13.92
N SER A 160 -12.68 1.08 -12.81
CA SER A 160 -12.88 2.07 -11.75
C SER A 160 -12.69 3.49 -12.30
N GLU A 161 -11.64 3.64 -13.10
CA GLU A 161 -11.30 4.91 -13.71
C GLU A 161 -12.38 5.35 -14.69
N SER A 162 -12.90 4.41 -15.51
CA SER A 162 -13.98 4.75 -16.42
C SER A 162 -15.22 5.16 -15.62
N ALA A 163 -15.52 4.43 -14.53
CA ALA A 163 -16.66 4.76 -13.69
C ALA A 163 -16.49 6.16 -13.09
N PHE A 164 -15.25 6.55 -12.79
CA PHE A 164 -14.98 7.89 -12.29
C PHE A 164 -15.35 8.95 -13.32
N TYR A 165 -14.90 8.84 -14.57
CA TYR A 165 -15.22 9.92 -15.52
C TYR A 165 -16.72 9.97 -15.79
N LEU A 166 -17.39 8.81 -15.80
CA LEU A 166 -18.83 8.77 -16.05
C LEU A 166 -19.62 9.40 -14.91
N THR A 167 -19.11 9.32 -13.66
CA THR A 167 -19.88 9.77 -12.50
C THR A 167 -19.54 11.21 -12.13
N VAL A 168 -18.25 11.53 -12.02
CA VAL A 168 -17.83 12.81 -11.47
C VAL A 168 -18.15 13.93 -12.45
N MET A 169 -18.13 13.63 -13.76
CA MET A 169 -18.44 14.60 -14.79
C MET A 169 -19.88 14.47 -15.31
N SER A 170 -20.77 13.82 -14.54
CA SER A 170 -22.16 13.66 -14.95
C SER A 170 -22.89 15.00 -14.93
N ALA A 171 -24.00 15.06 -15.66
CA ALA A 171 -24.95 16.19 -15.63
C ALA A 171 -26.04 15.90 -14.63
N GLY A 172 -26.61 14.68 -14.70
CA GLY A 172 -27.66 14.25 -13.81
C GLY A 172 -27.14 13.34 -12.70
N ASP A 173 -28.01 12.47 -12.23
CA ASP A 173 -27.68 11.57 -11.15
C ASP A 173 -26.48 10.74 -11.62
N PRO A 174 -25.36 10.74 -10.88
CA PRO A 174 -24.23 9.89 -11.25
C PRO A 174 -24.60 8.41 -11.32
N LEU A 175 -25.68 7.99 -10.62
CA LEU A 175 -26.22 6.63 -10.71
C LEU A 175 -26.41 6.17 -12.15
N ARG A 176 -26.75 7.10 -13.06
CA ARG A 176 -27.14 6.76 -14.43
CA ARG A 176 -27.14 6.74 -14.42
C ARG A 176 -25.93 6.26 -15.22
N GLY A 177 -24.71 6.58 -14.77
CA GLY A 177 -23.53 6.10 -15.47
C GLY A 177 -23.39 6.66 -16.88
N GLU A 178 -23.66 7.97 -17.02
CA GLU A 178 -23.48 8.64 -18.30
C GLU A 178 -23.06 10.08 -18.01
N ALA A 179 -22.20 10.62 -18.88
CA ALA A 179 -21.69 11.97 -18.73
C ALA A 179 -21.63 12.66 -20.09
N PRO A 180 -21.99 13.96 -20.19
CA PRO A 180 -21.81 14.73 -21.42
C PRO A 180 -20.38 14.66 -21.94
N LYS A 181 -20.25 14.38 -23.24
CA LYS A 181 -18.96 14.35 -23.89
C LYS A 181 -18.25 15.69 -23.68
N LYS A 182 -19.00 16.81 -23.74
CA LYS A 182 -18.37 18.11 -23.65
C LYS A 182 -17.70 18.29 -22.28
N PHE A 183 -18.28 17.70 -21.23
CA PHE A 183 -17.71 17.78 -19.89
C PHE A 183 -16.49 16.86 -19.76
N VAL A 184 -16.63 15.59 -20.16
CA VAL A 184 -15.55 14.62 -20.06
C VAL A 184 -14.34 15.06 -20.89
N ASN A 185 -14.59 15.64 -22.07
CA ASN A 185 -13.50 16.05 -22.94
C ASN A 185 -12.67 17.17 -22.31
N VAL A 186 -13.33 18.14 -21.67
CA VAL A 186 -12.64 19.22 -20.98
C VAL A 186 -11.81 18.65 -19.82
N PHE A 187 -12.42 17.72 -19.09
CA PHE A 187 -11.81 17.08 -17.93
C PHE A 187 -10.46 16.45 -18.30
N PHE A 188 -10.43 15.67 -19.38
CA PHE A 188 -9.20 15.00 -19.83
C PHE A 188 -8.24 15.98 -20.52
N GLN A 189 -8.76 16.78 -21.46
CA GLN A 189 -7.92 17.57 -22.35
C GLN A 189 -7.30 18.76 -21.63
N GLU A 190 -8.03 19.37 -20.69
CA GLU A 190 -7.57 20.58 -20.02
C GLU A 190 -7.40 20.37 -18.52
N GLU A 191 -7.89 19.25 -17.97
CA GLU A 191 -7.82 19.00 -16.53
C GLU A 191 -8.40 20.21 -15.80
N ARG A 192 -9.65 20.48 -16.21
CA ARG A 192 -10.43 21.61 -15.73
C ARG A 192 -11.85 21.13 -15.45
N MET A 193 -12.46 21.70 -14.41
CA MET A 193 -13.87 21.50 -14.14
C MET A 193 -14.66 22.36 -15.13
N PRO A 194 -15.53 21.77 -15.96
CA PRO A 194 -16.20 22.51 -17.03
C PRO A 194 -17.37 23.39 -16.56
N ILE A 195 -17.04 24.38 -15.72
CA ILE A 195 -18.03 25.21 -15.04
C ILE A 195 -18.74 26.10 -16.05
N LYS A 196 -17.95 26.83 -16.86
CA LYS A 196 -18.42 27.66 -17.96
C LYS A 196 -19.40 26.88 -18.83
N GLU A 197 -19.13 25.58 -19.02
CA GLU A 197 -19.88 24.73 -19.93
C GLU A 197 -21.16 24.18 -19.29
N GLY A 198 -21.33 24.37 -17.97
CA GLY A 198 -22.57 24.05 -17.27
C GLY A 198 -22.44 22.91 -16.25
N TRP A 199 -21.22 22.38 -16.03
CA TRP A 199 -21.04 21.30 -15.07
C TRP A 199 -21.20 21.84 -13.65
N LYS A 200 -21.76 21.00 -12.76
CA LYS A 200 -21.81 21.27 -11.34
C LYS A 200 -21.44 20.00 -10.58
N ARG A 201 -20.73 20.15 -9.47
CA ARG A 201 -20.49 19.07 -8.52
C ARG A 201 -21.78 18.27 -8.28
N SER A 202 -21.68 16.94 -8.35
CA SER A 202 -22.80 16.05 -8.04
C SER A 202 -23.38 16.37 -6.66
N THR A 203 -24.71 16.38 -6.55
CA THR A 203 -25.36 16.51 -5.25
C THR A 203 -25.59 15.15 -4.63
N THR A 204 -25.29 14.08 -5.39
CA THR A 204 -25.34 12.71 -4.92
C THR A 204 -23.93 12.24 -4.58
N PRO A 205 -23.69 11.68 -3.36
CA PRO A 205 -22.37 11.19 -2.98
C PRO A 205 -21.94 10.06 -3.92
N ILE A 206 -20.68 10.10 -4.34
CA ILE A 206 -20.08 9.06 -5.18
C ILE A 206 -19.16 8.22 -4.29
N ASN A 207 -19.59 6.98 -4.02
CA ASN A 207 -18.93 6.10 -3.06
C ASN A 207 -18.85 4.70 -3.66
N LEU A 208 -18.30 3.74 -2.91
CA LEU A 208 -18.11 2.38 -3.44
C LEU A 208 -19.45 1.71 -3.75
N PRO A 209 -20.48 1.78 -2.88
CA PRO A 209 -21.79 1.22 -3.25
C PRO A 209 -22.36 1.74 -4.57
N LEU A 210 -22.14 3.03 -4.90
CA LEU A 210 -22.61 3.60 -6.15
C LEU A 210 -21.75 3.10 -7.31
N LEU A 211 -20.42 3.11 -7.14
CA LEU A 211 -19.52 2.80 -8.24
C LEU A 211 -19.50 1.32 -8.57
N GLY A 212 -19.68 0.46 -7.55
CA GLY A 212 -19.45 -0.97 -7.70
C GLY A 212 -20.18 -1.59 -8.89
N PRO A 213 -21.52 -1.46 -8.98
CA PRO A 213 -22.27 -2.08 -10.08
C PRO A 213 -21.91 -1.48 -11.44
N ILE A 214 -21.51 -0.20 -11.47
CA ILE A 214 -21.08 0.43 -12.71
C ILE A 214 -19.77 -0.22 -13.17
N ILE A 215 -18.80 -0.31 -12.26
CA ILE A 215 -17.51 -0.94 -12.51
C ILE A 215 -17.75 -2.34 -13.08
N ASP A 216 -18.61 -3.12 -12.43
CA ASP A 216 -18.80 -4.52 -12.77
C ASP A 216 -19.44 -4.65 -14.14
N ARG A 217 -20.34 -3.72 -14.47
CA ARG A 217 -21.02 -3.75 -15.74
C ARG A 217 -20.06 -3.34 -16.87
N ILE A 218 -19.20 -2.34 -16.62
CA ILE A 218 -18.21 -1.97 -17.62
C ILE A 218 -17.33 -3.17 -17.92
N THR A 219 -16.87 -3.86 -16.87
CA THR A 219 -16.02 -5.02 -17.04
C THR A 219 -16.76 -6.07 -17.89
N GLU A 220 -18.02 -6.36 -17.52
CA GLU A 220 -18.78 -7.40 -18.19
C GLU A 220 -18.95 -7.11 -19.69
N LEU A 221 -19.26 -5.86 -20.04
CA LEU A 221 -19.52 -5.48 -21.43
C LEU A 221 -18.22 -5.38 -22.24
N SER A 222 -17.06 -5.33 -21.57
CA SER A 222 -15.78 -5.11 -22.23
C SER A 222 -15.20 -6.40 -22.85
N ASP A 223 -15.84 -7.55 -22.58
CA ASP A 223 -15.41 -8.84 -23.11
C ASP A 223 -13.95 -9.07 -22.73
N TRP A 224 -13.62 -8.84 -21.45
CA TRP A 224 -12.27 -9.00 -20.92
C TRP A 224 -11.99 -10.47 -20.65
N LYS A 225 -10.75 -10.89 -20.96
CA LYS A 225 -10.27 -12.24 -20.69
C LYS A 225 -8.83 -12.15 -20.20
N PRO A 226 -8.38 -13.05 -19.30
CA PRO A 226 -6.96 -13.15 -18.96
C PRO A 226 -6.11 -13.51 -20.18
N THR A 227 -4.87 -13.01 -20.20
CA THR A 227 -4.01 -13.11 -21.37
C THR A 227 -2.66 -13.73 -21.02
N GLY A 228 -2.34 -13.81 -19.73
CA GLY A 228 -1.05 -14.29 -19.25
C GLY A 228 -1.00 -14.35 -17.73
N ASP A 229 0.01 -13.69 -17.13
CA ASP A 229 0.43 -13.92 -15.75
C ASP A 229 -0.74 -13.91 -14.77
N ASN A 230 -1.50 -12.80 -14.76
CA ASN A 230 -2.70 -12.62 -13.94
C ASN A 230 -2.43 -12.52 -12.43
N CYS A 231 -1.16 -12.33 -12.01
CA CYS A 231 -0.83 -12.05 -10.61
C CYS A 231 -1.06 -10.58 -10.32
N GLY A 232 -1.97 -10.28 -9.38
CA GLY A 232 -2.33 -8.90 -9.05
C GLY A 232 -1.39 -8.28 -8.02
N ALA A 233 -0.08 -8.45 -8.22
CA ALA A 233 0.97 -7.92 -7.36
C ALA A 233 1.24 -6.47 -7.71
N ILE A 234 1.26 -5.59 -6.72
CA ILE A 234 1.59 -4.19 -6.93
C ILE A 234 3.02 -3.97 -6.51
N VAL A 235 3.65 -2.93 -7.09
CA VAL A 235 4.94 -2.42 -6.67
C VAL A 235 4.76 -1.66 -5.35
N LEU A 236 5.56 -2.01 -4.33
CA LEU A 236 5.28 -1.59 -2.95
C LEU A 236 6.00 -0.29 -2.60
N GLY A 237 6.88 0.18 -3.48
CA GLY A 237 7.62 1.41 -3.24
C GLY A 237 8.55 1.72 -4.41
N PRO A 238 9.08 2.96 -4.49
CA PRO A 238 9.96 3.33 -5.59
C PRO A 238 11.35 2.72 -5.39
N GLY A 239 12.06 2.52 -6.51
CA GLY A 239 13.47 2.13 -6.48
C GLY A 239 13.68 0.74 -5.89
N LEU A 240 12.69 -0.14 -6.04
CA LEU A 240 12.84 -1.57 -5.80
C LEU A 240 13.15 -2.24 -7.15
N ALA B 1 19.06 12.54 22.51
CA ALA B 1 19.38 11.83 23.77
C ALA B 1 18.09 11.28 24.38
N VAL B 2 17.88 9.96 24.33
CA VAL B 2 16.62 9.39 24.80
C VAL B 2 16.79 8.94 26.24
N ASP B 3 15.82 9.29 27.09
CA ASP B 3 15.77 8.81 28.46
C ASP B 3 14.77 7.65 28.57
N PHE B 4 15.31 6.42 28.68
CA PHE B 4 14.50 5.22 28.74
C PHE B 4 13.81 5.12 30.09
N SER B 5 14.31 5.81 31.13
CA SER B 5 13.61 5.90 32.40
C SER B 5 12.27 6.62 32.25
N ALA B 6 12.17 7.51 31.24
CA ALA B 6 10.92 8.20 30.91
C ALA B 6 9.98 7.29 30.11
N HIS B 7 10.45 6.10 29.73
CA HIS B 7 9.71 5.16 28.91
C HIS B 7 9.69 3.79 29.59
N PRO B 8 9.07 3.66 30.77
CA PRO B 8 9.00 2.37 31.46
C PRO B 8 8.06 1.39 30.77
N TRP B 9 8.35 0.10 30.85
CA TRP B 9 7.44 -0.95 30.45
C TRP B 9 6.21 -0.94 31.35
N LYS B 10 5.03 -1.03 30.75
CA LYS B 10 3.79 -1.32 31.45
C LYS B 10 3.00 -2.35 30.66
N ALA B 11 2.45 -3.35 31.36
CA ALA B 11 1.63 -4.36 30.72
C ALA B 11 0.46 -3.69 30.02
N PRO B 12 0.11 -4.11 28.79
CA PRO B 12 -1.09 -3.59 28.12
C PRO B 12 -2.37 -3.94 28.87
N GLY B 13 -3.25 -2.94 28.98
CA GLY B 13 -4.55 -3.13 29.60
C GLY B 13 -5.53 -3.80 28.63
N PRO B 14 -6.78 -4.02 29.05
CA PRO B 14 -7.74 -4.80 28.26
C PRO B 14 -8.26 -4.07 27.02
N ASN B 15 -8.13 -2.73 26.99
CA ASN B 15 -8.60 -1.92 25.87
C ASN B 15 -7.43 -1.46 25.00
N ASP B 16 -6.20 -1.92 25.29
CA ASP B 16 -5.01 -1.49 24.56
C ASP B 16 -4.88 -2.36 23.31
N SER B 17 -4.77 -1.74 22.13
CA SER B 17 -4.64 -2.48 20.88
C SER B 17 -3.21 -2.99 20.74
N ARG B 18 -3.07 -4.29 20.49
CA ARG B 18 -1.76 -4.88 20.23
C ARG B 18 -1.92 -5.75 18.99
N GLY B 19 -0.80 -5.96 18.27
CA GLY B 19 -0.86 -6.64 16.98
C GLY B 19 0.03 -7.87 16.93
N PRO B 20 0.32 -8.38 15.71
CA PRO B 20 1.21 -9.52 15.53
C PRO B 20 2.70 -9.19 15.54
N CYS B 21 3.05 -7.91 15.69
CA CYS B 21 4.42 -7.47 15.59
C CYS B 21 5.00 -7.17 16.97
N PRO B 22 5.99 -7.95 17.43
CA PRO B 22 6.64 -7.65 18.72
C PRO B 22 7.40 -6.33 18.73
N GLY B 23 7.87 -5.89 17.56
CA GLY B 23 8.61 -4.64 17.49
C GLY B 23 7.74 -3.45 17.87
N LEU B 24 6.58 -3.34 17.23
CA LEU B 24 5.67 -2.23 17.48
C LEU B 24 4.99 -2.42 18.84
N ASN B 25 4.66 -3.65 19.22
CA ASN B 25 4.02 -3.88 20.51
C ASN B 25 4.92 -3.40 21.66
N THR B 26 6.22 -3.70 21.55
CA THR B 26 7.20 -3.35 22.57
C THR B 26 7.31 -1.83 22.64
N LEU B 27 7.31 -1.14 21.48
CA LEU B 27 7.39 0.32 21.50
C LEU B 27 6.17 0.91 22.22
N ALA B 28 4.98 0.33 21.98
CA ALA B 28 3.76 0.79 22.63
C ALA B 28 3.84 0.53 24.14
N ASN B 29 4.39 -0.63 24.52
CA ASN B 29 4.44 -1.03 25.92
C ASN B 29 5.41 -0.15 26.72
N HIS B 30 6.25 0.61 26.02
CA HIS B 30 7.15 1.56 26.64
C HIS B 30 6.74 3.01 26.35
N GLY B 31 5.59 3.24 25.69
CA GLY B 31 5.11 4.59 25.43
C GLY B 31 5.91 5.35 24.36
N PHE B 32 6.77 4.67 23.58
CA PHE B 32 7.37 5.28 22.41
C PHE B 32 6.32 5.46 21.30
N LEU B 33 5.41 4.48 21.19
CA LEU B 33 4.12 4.65 20.55
C LEU B 33 3.06 4.77 21.64
N PRO B 34 1.87 5.32 21.34
CA PRO B 34 0.80 5.43 22.33
C PRO B 34 0.52 4.07 22.99
N ARG B 35 0.39 4.07 24.32
CA ARG B 35 0.20 2.82 25.04
C ARG B 35 -1.10 2.14 24.62
N ASN B 36 -2.10 2.90 24.17
CA ASN B 36 -3.39 2.35 23.75
C ASN B 36 -3.29 1.69 22.38
N GLY B 37 -2.17 1.86 21.68
CA GLY B 37 -1.96 1.17 20.40
C GLY B 37 -2.84 1.69 19.26
N ARG B 38 -3.35 2.94 19.35
CA ARG B 38 -4.40 3.41 18.45
C ARG B 38 -3.94 4.70 17.78
N ASN B 39 -4.50 5.00 16.60
CA ASN B 39 -4.21 6.26 15.92
C ASN B 39 -2.69 6.45 15.72
N ILE B 40 -2.05 5.42 15.17
CA ILE B 40 -0.62 5.38 14.91
C ILE B 40 -0.38 5.63 13.42
N SER B 41 0.43 6.66 13.15
CA SER B 41 0.78 7.11 11.81
C SER B 41 2.18 6.60 11.45
N VAL B 42 2.56 6.74 10.18
CA VAL B 42 3.90 6.36 9.77
C VAL B 42 4.93 7.29 10.43
N PRO B 43 4.73 8.63 10.49
CA PRO B 43 5.67 9.48 11.22
C PRO B 43 5.90 9.05 12.66
N MET B 44 4.84 8.59 13.34
CA MET B 44 4.95 8.14 14.73
C MET B 44 5.82 6.89 14.81
N ILE B 45 5.63 5.96 13.87
CA ILE B 45 6.42 4.74 13.80
C ILE B 45 7.88 5.07 13.52
N VAL B 46 8.15 5.97 12.57
CA VAL B 46 9.51 6.40 12.26
C VAL B 46 10.20 6.93 13.51
N LYS B 47 9.55 7.85 14.23
CA LYS B 47 10.17 8.46 15.39
C LYS B 47 10.37 7.42 16.50
N ALA B 48 9.35 6.57 16.71
CA ALA B 48 9.39 5.57 17.76
C ALA B 48 10.49 4.56 17.52
N GLY B 49 10.61 4.06 16.27
CA GLY B 49 11.62 3.07 15.94
C GLY B 49 13.03 3.64 16.08
N PHE B 50 13.18 4.94 15.78
CA PHE B 50 14.46 5.61 15.95
C PHE B 50 14.82 5.71 17.43
N GLU B 51 13.89 6.27 18.21
CA GLU B 51 14.14 6.52 19.62
C GLU B 51 14.38 5.22 20.38
N GLY B 52 13.52 4.21 20.17
CA GLY B 52 13.61 2.96 20.90
C GLY B 52 14.76 2.06 20.45
N TYR B 53 14.99 1.96 19.14
CA TYR B 53 15.79 0.87 18.59
C TYR B 53 16.94 1.34 17.69
N ASN B 54 16.95 2.63 17.34
CA ASN B 54 17.88 3.18 16.35
C ASN B 54 17.62 2.55 14.98
N VAL B 55 16.36 2.23 14.69
CA VAL B 55 15.98 1.77 13.36
C VAL B 55 15.63 3.01 12.53
N GLN B 56 16.11 3.05 11.27
CA GLN B 56 16.07 4.26 10.47
C GLN B 56 14.80 4.34 9.62
N SER B 57 14.56 5.51 9.02
CA SER B 57 13.32 5.81 8.33
C SER B 57 13.16 5.01 7.04
N ASP B 58 14.28 4.57 6.41
CA ASP B 58 14.17 3.86 5.13
C ASP B 58 13.22 2.67 5.27
N ILE B 59 13.51 1.75 6.21
CA ILE B 59 12.71 0.55 6.36
C ILE B 59 11.33 0.89 6.96
N LEU B 60 11.26 1.87 7.87
CA LEU B 60 10.02 2.14 8.58
C LEU B 60 9.00 2.88 7.69
N ILE B 61 9.46 3.70 6.75
CA ILE B 61 8.56 4.35 5.82
C ILE B 61 7.98 3.31 4.87
N LEU B 62 8.86 2.45 4.34
CA LEU B 62 8.45 1.41 3.40
C LEU B 62 7.46 0.46 4.04
N ALA B 63 7.83 -0.12 5.19
CA ALA B 63 6.96 -1.05 5.91
C ALA B 63 5.71 -0.35 6.46
N GLY B 64 5.91 0.84 7.01
CA GLY B 64 4.83 1.61 7.62
C GLY B 64 3.70 1.88 6.64
N LYS B 65 4.03 2.32 5.42
CA LYS B 65 2.97 2.67 4.47
C LYS B 65 2.23 1.44 3.99
N VAL B 66 2.91 0.28 3.89
CA VAL B 66 2.22 -0.96 3.58
C VAL B 66 1.29 -1.32 4.73
N GLY B 67 1.76 -1.13 5.97
CA GLY B 67 0.96 -1.39 7.16
C GLY B 67 -0.30 -0.54 7.22
N MET B 68 -0.20 0.70 6.71
CA MET B 68 -1.34 1.60 6.74
C MET B 68 -2.51 1.02 5.94
N LEU B 69 -2.25 0.15 4.95
CA LEU B 69 -3.31 -0.39 4.13
C LEU B 69 -4.31 -1.20 4.96
N THR B 70 -3.89 -1.69 6.14
CA THR B 70 -4.68 -2.67 6.88
C THR B 70 -5.85 -2.02 7.60
N SER B 71 -5.89 -0.68 7.71
CA SER B 71 -6.96 0.02 8.41
C SER B 71 -7.96 0.65 7.42
N ARG B 72 -9.07 1.15 7.97
CA ARG B 72 -10.06 1.91 7.20
C ARG B 72 -9.83 3.41 7.36
N GLU B 73 -8.77 3.83 8.06
CA GLU B 73 -8.54 5.23 8.33
C GLU B 73 -7.62 5.83 7.27
N ALA B 74 -7.62 7.16 7.18
CA ALA B 74 -6.89 7.88 6.13
C ALA B 74 -5.38 7.73 6.31
N ASP B 75 -4.83 7.80 7.53
CA ASP B 75 -3.39 7.86 7.72
C ASP B 75 -2.92 7.28 9.05
N THR B 76 -3.75 6.43 9.68
CA THR B 76 -3.40 5.79 10.94
C THR B 76 -3.92 4.35 10.94
N ILE B 77 -3.37 3.56 11.89
CA ILE B 77 -3.82 2.22 12.19
C ILE B 77 -3.96 2.08 13.70
N SER B 78 -4.69 1.04 14.11
CA SER B 78 -4.49 0.40 15.41
CA SER B 78 -4.50 0.39 15.42
C SER B 78 -3.49 -0.75 15.22
N LEU B 79 -2.70 -1.06 16.24
CA LEU B 79 -1.73 -2.14 16.09
C LEU B 79 -2.43 -3.44 15.73
N GLU B 80 -3.63 -3.68 16.26
CA GLU B 80 -4.33 -4.93 15.96
C GLU B 80 -4.66 -5.03 14.47
N ASP B 81 -4.84 -3.91 13.77
CA ASP B 81 -5.18 -3.93 12.35
C ASP B 81 -4.13 -4.71 11.55
N LEU B 82 -2.87 -4.71 12.01
CA LEU B 82 -1.77 -5.35 11.28
C LEU B 82 -1.93 -6.86 11.14
N LYS B 83 -2.89 -7.46 11.86
CA LYS B 83 -3.13 -8.90 11.75
C LYS B 83 -3.76 -9.25 10.39
N LEU B 84 -4.16 -8.25 9.59
CA LEU B 84 -4.86 -8.52 8.34
C LEU B 84 -4.03 -9.45 7.47
N HIS B 85 -4.56 -10.64 7.20
CA HIS B 85 -3.81 -11.68 6.53
C HIS B 85 -3.56 -11.30 5.07
N GLY B 86 -2.29 -11.40 4.66
CA GLY B 86 -1.92 -11.25 3.26
C GLY B 86 -1.55 -9.82 2.86
N THR B 87 -1.52 -8.87 3.82
CA THR B 87 -0.89 -7.59 3.58
C THR B 87 0.59 -7.76 3.96
N ILE B 88 0.90 -7.65 5.25
CA ILE B 88 2.21 -8.05 5.76
C ILE B 88 2.09 -9.41 6.46
N GLU B 89 1.06 -9.56 7.30
CA GLU B 89 0.89 -10.78 8.09
C GLU B 89 0.89 -11.99 7.16
N HIS B 90 1.63 -13.02 7.59
CA HIS B 90 1.92 -14.19 6.77
C HIS B 90 1.88 -15.46 7.62
N ASP B 91 1.84 -16.60 6.93
CA ASP B 91 2.00 -17.92 7.54
C ASP B 91 3.46 -18.15 7.94
N ALA B 92 3.70 -19.18 8.77
CA ALA B 92 5.05 -19.57 9.20
C ALA B 92 5.72 -18.41 9.93
N SER B 93 4.97 -17.79 10.84
CA SER B 93 5.50 -16.86 11.81
C SER B 93 6.35 -17.59 12.86
N LEU B 94 7.16 -16.81 13.58
CA LEU B 94 8.06 -17.30 14.61
C LEU B 94 7.32 -17.50 15.95
N SER B 95 6.22 -16.77 16.19
CA SER B 95 5.61 -16.73 17.52
C SER B 95 4.08 -16.68 17.49
N ARG B 96 3.49 -16.74 16.29
CA ARG B 96 2.04 -16.74 16.09
C ARG B 96 1.68 -17.96 15.25
N GLU B 97 0.40 -18.37 15.28
CA GLU B 97 -0.08 -19.47 14.44
C GLU B 97 -0.55 -18.93 13.09
N ASP B 98 -0.63 -19.82 12.08
CA ASP B 98 -1.25 -19.50 10.79
C ASP B 98 -2.74 -19.24 10.98
N VAL B 99 -3.26 -18.18 10.33
CA VAL B 99 -4.64 -17.75 10.50
C VAL B 99 -5.62 -18.88 10.15
N ALA B 100 -5.28 -19.73 9.16
CA ALA B 100 -6.20 -20.75 8.68
C ALA B 100 -6.43 -21.86 9.71
N ILE B 101 -5.48 -22.03 10.65
CA ILE B 101 -5.52 -23.12 11.61
C ILE B 101 -5.36 -22.63 13.05
N GLY B 102 -5.41 -21.31 13.27
CA GLY B 102 -5.30 -20.78 14.63
C GLY B 102 -5.25 -19.25 14.69
N ASP B 103 -4.66 -18.77 15.78
CA ASP B 103 -4.64 -17.37 16.18
C ASP B 103 -3.36 -16.72 15.63
N ASN B 104 -3.55 -15.81 14.66
CA ASN B 104 -2.44 -15.18 13.94
C ASN B 104 -2.05 -13.87 14.61
N LEU B 105 -2.60 -13.58 15.80
CA LEU B 105 -2.46 -12.28 16.46
C LEU B 105 -1.56 -12.36 17.69
N HIS B 106 -1.84 -13.30 18.61
CA HIS B 106 -1.22 -13.31 19.94
C HIS B 106 0.03 -14.18 19.97
N PHE B 107 0.98 -13.79 20.83
CA PHE B 107 2.14 -14.61 21.14
C PHE B 107 1.67 -16.00 21.58
N ASN B 108 2.30 -17.05 21.01
CA ASN B 108 1.98 -18.43 21.32
C ASN B 108 3.26 -19.17 21.73
N GLU B 109 3.33 -19.62 22.99
CA GLU B 109 4.56 -20.23 23.50
C GLU B 109 4.91 -21.49 22.72
N ALA B 110 3.90 -22.31 22.37
CA ALA B 110 4.15 -23.57 21.66
C ALA B 110 4.81 -23.33 20.31
N ILE B 111 4.38 -22.30 19.57
CA ILE B 111 4.99 -21.96 18.30
C ILE B 111 6.42 -21.49 18.56
N PHE B 112 6.59 -20.63 19.57
CA PHE B 112 7.85 -19.99 19.89
C PHE B 112 8.91 -21.01 20.31
N THR B 113 8.50 -22.23 20.70
CA THR B 113 9.44 -23.28 21.12
C THR B 113 10.55 -23.51 20.10
N THR B 114 10.21 -23.47 18.80
CA THR B 114 11.20 -23.73 17.76
C THR B 114 12.32 -22.70 17.87
N LEU B 115 11.97 -21.41 17.93
CA LEU B 115 12.98 -20.36 18.08
C LEU B 115 13.72 -20.52 19.41
N ALA B 116 12.98 -20.72 20.51
CA ALA B 116 13.55 -20.77 21.86
C ALA B 116 14.63 -21.86 21.96
N ASN B 117 14.44 -22.96 21.23
CA ASN B 117 15.31 -24.13 21.28
C ASN B 117 16.42 -24.08 20.22
N SER B 118 16.43 -23.05 19.37
CA SER B 118 17.42 -22.96 18.30
C SER B 118 18.80 -22.59 18.85
N ASN B 119 19.83 -22.82 18.03
CA ASN B 119 21.23 -22.61 18.38
C ASN B 119 21.57 -23.22 19.74
N PRO B 120 21.32 -24.53 19.92
CA PRO B 120 21.68 -25.21 21.17
C PRO B 120 23.17 -25.05 21.46
N GLY B 121 23.48 -24.82 22.75
CA GLY B 121 24.86 -24.78 23.21
C GLY B 121 25.53 -23.41 23.03
N ALA B 122 24.78 -22.42 22.56
CA ALA B 122 25.24 -21.04 22.54
C ALA B 122 24.27 -20.21 23.38
N ASP B 123 24.71 -19.02 23.81
CA ASP B 123 23.85 -18.11 24.54
C ASP B 123 23.32 -17.01 23.61
N VAL B 124 23.51 -17.15 22.29
CA VAL B 124 23.00 -16.22 21.30
C VAL B 124 22.20 -16.96 20.22
N TYR B 125 21.27 -16.25 19.57
CA TYR B 125 20.73 -16.64 18.28
C TYR B 125 21.58 -15.94 17.22
N ASN B 126 21.75 -16.56 16.05
CA ASN B 126 22.57 -15.97 15.00
C ASN B 126 21.95 -16.27 13.63
N ILE B 127 22.67 -15.95 12.55
CA ILE B 127 22.10 -16.06 11.21
C ILE B 127 21.78 -17.51 10.88
N SER B 128 22.64 -18.46 11.25
CA SER B 128 22.40 -19.84 10.86
CA SER B 128 22.41 -19.85 10.89
C SER B 128 21.25 -20.43 11.68
N SER B 129 21.15 -20.08 12.98
CA SER B 129 20.02 -20.55 13.78
C SER B 129 18.71 -19.94 13.26
N ALA B 130 18.72 -18.64 12.93
CA ALA B 130 17.52 -17.99 12.40
C ALA B 130 17.05 -18.68 11.12
N ALA B 131 17.98 -19.08 10.25
CA ALA B 131 17.67 -19.74 8.99
C ALA B 131 17.03 -21.11 9.25
N GLN B 132 17.59 -21.87 10.21
CA GLN B 132 17.06 -23.18 10.55
CA GLN B 132 17.06 -23.18 10.55
C GLN B 132 15.63 -23.05 11.05
N VAL B 133 15.39 -22.05 11.91
CA VAL B 133 14.06 -21.80 12.45
C VAL B 133 13.08 -21.51 11.32
N GLN B 134 13.46 -20.64 10.37
CA GLN B 134 12.59 -20.33 9.25
C GLN B 134 12.28 -21.60 8.46
N HIS B 135 13.29 -22.43 8.18
CA HIS B 135 13.08 -23.69 7.45
C HIS B 135 12.06 -24.56 8.18
N ASP B 136 12.21 -24.69 9.50
CA ASP B 136 11.41 -25.60 10.30
C ASP B 136 9.98 -25.06 10.44
N ARG B 137 9.84 -23.73 10.61
CA ARG B 137 8.53 -23.12 10.75
C ARG B 137 7.74 -23.27 9.45
N LEU B 138 8.40 -23.06 8.30
CA LEU B 138 7.74 -23.21 7.01
C LEU B 138 7.34 -24.67 6.81
N ALA B 139 8.22 -25.61 7.16
CA ALA B 139 7.89 -27.03 7.00
C ALA B 139 6.65 -27.39 7.83
N ASP B 140 6.56 -26.86 9.06
CA ASP B 140 5.40 -27.05 9.90
C ASP B 140 4.13 -26.56 9.21
N SER B 141 4.14 -25.34 8.65
CA SER B 141 2.99 -24.81 7.95
C SER B 141 2.63 -25.66 6.73
N VAL B 142 3.63 -26.11 5.98
CA VAL B 142 3.36 -26.90 4.78
C VAL B 142 2.74 -28.24 5.20
N ALA B 143 3.17 -28.78 6.35
CA ALA B 143 2.64 -30.04 6.86
C ALA B 143 1.19 -29.90 7.32
N ARG B 144 0.87 -28.80 8.01
CA ARG B 144 -0.36 -28.73 8.81
C ARG B 144 -1.39 -27.73 8.26
N ASN B 145 -1.01 -26.88 7.30
CA ASN B 145 -1.91 -25.85 6.79
C ASN B 145 -2.11 -26.04 5.29
N PRO B 146 -3.22 -26.65 4.82
CA PRO B 146 -3.45 -26.81 3.39
C PRO B 146 -3.62 -25.52 2.62
N ASN B 147 -3.82 -24.40 3.34
CA ASN B 147 -4.00 -23.09 2.73
C ASN B 147 -2.74 -22.22 2.85
N VAL B 148 -1.58 -22.84 3.14
CA VAL B 148 -0.33 -22.10 3.33
C VAL B 148 -0.05 -21.23 2.10
N THR B 149 0.38 -19.98 2.35
CA THR B 149 0.88 -19.09 1.32
C THR B 149 2.35 -18.84 1.60
N ASN B 150 3.20 -19.15 0.61
CA ASN B 150 4.65 -19.08 0.73
C ASN B 150 5.23 -18.65 -0.61
N THR B 151 5.64 -17.37 -0.68
CA THR B 151 6.03 -16.70 -1.92
C THR B 151 7.37 -16.01 -1.70
N ASP B 152 7.98 -15.53 -2.79
CA ASP B 152 9.18 -14.70 -2.69
C ASP B 152 8.96 -13.59 -1.67
N LEU B 153 7.76 -12.97 -1.73
CA LEU B 153 7.46 -11.84 -0.86
C LEU B 153 7.37 -12.28 0.60
N THR B 154 6.61 -13.34 0.91
CA THR B 154 6.48 -13.75 2.31
C THR B 154 7.83 -14.21 2.85
N ALA B 155 8.63 -14.89 2.02
CA ALA B 155 9.96 -15.34 2.42
C ALA B 155 10.87 -14.17 2.76
N THR B 156 10.80 -13.08 1.97
CA THR B 156 11.61 -11.90 2.21
C THR B 156 11.19 -11.22 3.52
N ILE B 157 9.89 -11.05 3.71
CA ILE B 157 9.35 -10.45 4.93
C ILE B 157 9.83 -11.25 6.15
N ARG B 158 9.73 -12.58 6.05
CA ARG B 158 10.10 -13.47 7.15
C ARG B 158 11.59 -13.30 7.49
N SER B 159 12.46 -13.26 6.47
CA SER B 159 13.88 -13.05 6.74
C SER B 159 14.13 -11.66 7.32
N SER B 160 13.37 -10.63 6.89
CA SER B 160 13.47 -9.28 7.43
C SER B 160 13.16 -9.28 8.92
N GLU B 161 12.12 -10.00 9.30
CA GLU B 161 11.69 -10.10 10.69
C GLU B 161 12.77 -10.80 11.54
N SER B 162 13.37 -11.89 11.03
CA SER B 162 14.47 -12.53 11.74
C SER B 162 15.65 -11.58 11.89
N ALA B 163 15.98 -10.84 10.81
CA ALA B 163 17.06 -9.88 10.87
C ALA B 163 16.78 -8.80 11.91
N PHE B 164 15.50 -8.42 12.07
CA PHE B 164 15.11 -7.45 13.07
C PHE B 164 15.42 -7.97 14.49
N TYR B 165 15.03 -9.20 14.85
CA TYR B 165 15.28 -9.65 16.22
C TYR B 165 16.78 -9.79 16.46
N LEU B 166 17.54 -10.22 15.44
CA LEU B 166 18.98 -10.36 15.59
C LEU B 166 19.68 -9.01 15.78
N THR B 167 19.14 -7.93 15.21
CA THR B 167 19.83 -6.64 15.20
C THR B 167 19.36 -5.74 16.34
N VAL B 168 18.05 -5.59 16.49
CA VAL B 168 17.49 -4.64 17.44
C VAL B 168 17.78 -5.09 18.86
N MET B 169 17.81 -6.41 19.09
CA MET B 169 18.06 -6.98 20.41
C MET B 169 19.53 -7.41 20.58
N SER B 170 20.45 -6.88 19.76
CA SER B 170 21.85 -7.24 19.86
C SER B 170 22.47 -6.62 21.11
N ALA B 171 23.62 -7.17 21.52
CA ALA B 171 24.42 -6.67 22.63
C ALA B 171 25.46 -5.66 22.14
N GLY B 172 26.17 -6.04 21.08
CA GLY B 172 27.13 -5.15 20.45
C GLY B 172 26.68 -4.81 19.04
N ASP B 173 27.64 -4.78 18.10
CA ASP B 173 27.36 -4.22 16.78
C ASP B 173 26.24 -5.04 16.15
N PRO B 174 25.10 -4.42 15.78
CA PRO B 174 24.04 -5.15 15.08
C PRO B 174 24.54 -5.81 13.80
N LEU B 175 25.60 -5.25 13.19
CA LEU B 175 26.22 -5.83 12.00
C LEU B 175 26.54 -7.32 12.15
N ARG B 176 26.85 -7.77 13.39
CA ARG B 176 27.32 -9.13 13.60
C ARG B 176 26.21 -10.15 13.37
N GLY B 177 24.95 -9.70 13.40
CA GLY B 177 23.84 -10.61 13.15
C GLY B 177 23.70 -11.68 14.24
N GLU B 178 23.85 -11.28 15.49
CA GLU B 178 23.65 -12.20 16.61
C GLU B 178 23.14 -11.41 17.80
N ALA B 179 22.29 -12.04 18.61
CA ALA B 179 21.67 -11.40 19.76
C ALA B 179 21.56 -12.41 20.90
N PRO B 180 21.81 -11.97 22.17
CA PRO B 180 21.59 -12.83 23.34
C PRO B 180 20.19 -13.42 23.39
N LYS B 181 20.12 -14.73 23.63
CA LYS B 181 18.85 -15.42 23.79
C LYS B 181 18.03 -14.75 24.90
N LYS B 182 18.68 -14.33 25.99
CA LYS B 182 17.95 -13.79 27.13
C LYS B 182 17.23 -12.49 26.71
N PHE B 183 17.84 -11.72 25.78
CA PHE B 183 17.23 -10.50 25.28
C PHE B 183 16.08 -10.81 24.33
N VAL B 184 16.32 -11.68 23.34
CA VAL B 184 15.32 -12.00 22.32
C VAL B 184 14.12 -12.68 22.97
N ASN B 185 14.34 -13.53 23.98
CA ASN B 185 13.25 -14.23 24.61
C ASN B 185 12.29 -13.26 25.32
N VAL B 186 12.85 -12.25 26.01
CA VAL B 186 12.05 -11.24 26.69
C VAL B 186 11.26 -10.44 25.66
N PHE B 187 11.92 -10.09 24.55
CA PHE B 187 11.33 -9.30 23.48
C PHE B 187 10.05 -9.96 22.97
N PHE B 188 10.11 -11.26 22.67
CA PHE B 188 8.97 -12.01 22.15
C PHE B 188 7.95 -12.31 23.26
N GLN B 189 8.42 -12.83 24.41
CA GLN B 189 7.54 -13.39 25.42
C GLN B 189 6.82 -12.29 26.20
N GLU B 190 7.48 -11.15 26.44
CA GLU B 190 6.90 -10.09 27.25
C GLU B 190 6.71 -8.79 26.48
N GLU B 191 7.24 -8.71 25.24
CA GLU B 191 7.17 -7.49 24.45
C GLU B 191 7.64 -6.32 25.31
N ARG B 192 8.87 -6.51 25.79
CA ARG B 192 9.56 -5.59 26.68
C ARG B 192 10.99 -5.45 26.21
N MET B 193 11.54 -4.23 26.35
CA MET B 193 12.95 -4.00 26.16
C MET B 193 13.68 -4.54 27.39
N PRO B 194 14.61 -5.49 27.23
CA PRO B 194 15.24 -6.17 28.37
C PRO B 194 16.33 -5.34 29.06
N ILE B 195 15.91 -4.20 29.61
CA ILE B 195 16.81 -3.19 30.18
C ILE B 195 17.44 -3.74 31.46
N LYS B 196 16.59 -4.25 32.36
CA LYS B 196 17.00 -4.92 33.59
C LYS B 196 18.06 -5.98 33.29
N GLU B 197 17.91 -6.68 32.15
CA GLU B 197 18.77 -7.79 31.77
C GLU B 197 20.08 -7.33 31.13
N GLY B 198 20.19 -6.04 30.80
CA GLY B 198 21.44 -5.45 30.32
C GLY B 198 21.40 -4.91 28.88
N TRP B 199 20.25 -4.99 28.21
CA TRP B 199 20.12 -4.50 26.84
C TRP B 199 20.20 -2.99 26.81
N LYS B 200 20.80 -2.45 25.73
CA LYS B 200 20.77 -1.03 25.43
C LYS B 200 20.49 -0.83 23.94
N ARG B 201 19.72 0.21 23.62
CA ARG B 201 19.52 0.66 22.24
C ARG B 201 20.87 0.68 21.51
N SER B 202 20.88 0.10 20.29
CA SER B 202 22.06 0.11 19.43
C SER B 202 22.55 1.55 19.22
N THR B 203 23.88 1.73 19.26
CA THR B 203 24.48 3.02 18.93
C THR B 203 24.80 3.06 17.44
N THR B 204 24.63 1.93 16.74
CA THR B 204 24.79 1.84 15.30
C THR B 204 23.40 1.90 14.64
N PRO B 205 23.18 2.79 13.65
CA PRO B 205 21.89 2.88 12.96
C PRO B 205 21.58 1.55 12.26
N ILE B 206 20.33 1.09 12.37
CA ILE B 206 19.85 -0.11 11.70
C ILE B 206 18.97 0.34 10.53
N ASN B 207 19.47 0.11 9.31
CA ASN B 207 18.84 0.60 8.08
C ASN B 207 18.91 -0.50 7.03
N LEU B 208 18.41 -0.23 5.81
CA LEU B 208 18.35 -1.27 4.77
C LEU B 208 19.75 -1.74 4.38
N PRO B 209 20.76 -0.86 4.17
CA PRO B 209 22.11 -1.33 3.88
C PRO B 209 22.67 -2.32 4.90
N LEU B 210 22.37 -2.10 6.20
CA LEU B 210 22.82 -3.00 7.25
C LEU B 210 22.05 -4.31 7.19
N LEU B 211 20.72 -4.24 7.03
CA LEU B 211 19.88 -5.43 7.13
C LEU B 211 20.00 -6.31 5.89
N GLY B 212 20.24 -5.71 4.73
CA GLY B 212 20.10 -6.43 3.47
C GLY B 212 20.92 -7.72 3.40
N PRO B 213 22.25 -7.68 3.65
CA PRO B 213 23.06 -8.89 3.55
C PRO B 213 22.69 -9.94 4.61
N ILE B 214 22.18 -9.49 5.76
CA ILE B 214 21.73 -10.42 6.81
C ILE B 214 20.48 -11.15 6.29
N ILE B 215 19.51 -10.40 5.79
CA ILE B 215 18.29 -10.95 5.19
C ILE B 215 18.65 -11.99 4.13
N ASP B 216 19.56 -11.63 3.22
CA ASP B 216 19.86 -12.48 2.08
C ASP B 216 20.54 -13.76 2.53
N ARG B 217 21.38 -13.65 3.55
CA ARG B 217 22.11 -14.81 4.06
C ARG B 217 21.17 -15.74 4.81
N ILE B 218 20.23 -15.19 5.59
CA ILE B 218 19.25 -16.02 6.28
C ILE B 218 18.46 -16.82 5.24
N THR B 219 18.01 -16.14 4.18
CA THR B 219 17.26 -16.81 3.14
C THR B 219 18.10 -17.94 2.52
N GLU B 220 19.36 -17.62 2.18
CA GLU B 220 20.23 -18.58 1.51
C GLU B 220 20.42 -19.85 2.35
N LEU B 221 20.63 -19.69 3.67
CA LEU B 221 20.87 -20.81 4.56
C LEU B 221 19.60 -21.58 4.91
N SER B 222 18.43 -21.05 4.57
CA SER B 222 17.16 -21.62 4.99
C SER B 222 16.64 -22.71 4.05
N ASP B 223 17.32 -22.97 2.92
CA ASP B 223 16.93 -24.01 1.97
C ASP B 223 15.47 -23.82 1.55
N TRP B 224 15.17 -22.60 1.09
CA TRP B 224 13.81 -22.19 0.78
C TRP B 224 13.47 -22.53 -0.67
N LYS B 225 12.18 -22.86 -0.90
CA LYS B 225 11.58 -23.01 -2.22
C LYS B 225 10.16 -22.42 -2.16
N PRO B 226 9.65 -21.81 -3.26
CA PRO B 226 8.27 -21.31 -3.28
C PRO B 226 7.22 -22.42 -3.21
N THR B 227 5.99 -22.04 -2.81
CA THR B 227 4.80 -22.88 -2.91
C THR B 227 3.83 -22.33 -3.95
N GLY B 228 3.24 -23.22 -4.79
CA GLY B 228 2.13 -22.86 -5.66
C GLY B 228 2.46 -21.80 -6.70
N ASP B 229 1.54 -20.85 -6.90
CA ASP B 229 1.64 -19.80 -7.90
C ASP B 229 2.85 -18.88 -7.69
N ASN B 230 3.34 -18.76 -6.46
CA ASN B 230 4.37 -17.79 -6.11
C ASN B 230 3.95 -16.38 -6.56
N CYS B 231 2.71 -16.00 -6.26
CA CYS B 231 2.19 -14.68 -6.58
C CYS B 231 2.46 -13.73 -5.42
N GLY B 232 3.24 -12.66 -5.66
CA GLY B 232 3.62 -11.71 -4.61
C GLY B 232 2.60 -10.58 -4.42
N ALA B 233 1.31 -10.91 -4.53
CA ALA B 233 0.22 -9.93 -4.43
C ALA B 233 -0.14 -9.71 -2.97
N ILE B 234 -0.26 -8.44 -2.55
CA ILE B 234 -0.69 -8.13 -1.20
C ILE B 234 -2.17 -7.73 -1.24
N VAL B 235 -2.83 -7.89 -0.09
CA VAL B 235 -4.19 -7.43 0.15
C VAL B 235 -4.13 -5.91 0.38
N LEU B 236 -4.96 -5.17 -0.38
CA LEU B 236 -4.78 -3.73 -0.50
C LEU B 236 -5.60 -2.95 0.54
N GLY B 237 -6.50 -3.66 1.24
CA GLY B 237 -7.31 -3.02 2.27
C GLY B 237 -8.21 -4.04 2.96
N PRO B 238 -8.83 -3.68 4.10
CA PRO B 238 -9.66 -4.62 4.84
C PRO B 238 -11.00 -4.82 4.14
N GLY B 239 -11.62 -5.99 4.35
CA GLY B 239 -12.97 -6.26 3.88
C GLY B 239 -13.11 -6.27 2.36
N LEU B 240 -12.03 -6.67 1.67
CA LEU B 240 -12.09 -7.10 0.28
C LEU B 240 -12.30 -8.62 0.29
C1 NAG C . -25.19 4.24 -24.66
C2 NAG C . -26.26 3.19 -24.35
C3 NAG C . -26.66 2.44 -25.63
C4 NAG C . -27.08 3.43 -26.71
C5 NAG C . -25.97 4.47 -26.90
C6 NAG C . -26.37 5.53 -27.89
C7 NAG C . -26.22 2.30 -22.08
C8 NAG C . -25.68 1.24 -21.19
N2 NAG C . -25.84 2.23 -23.36
O3 NAG C . -27.71 1.55 -25.32
O4 NAG C . -27.29 2.69 -27.92
O5 NAG C . -25.67 5.14 -25.65
O6 NAG C . -27.31 6.42 -27.31
O7 NAG C . -26.99 3.16 -21.66
C1 NAG D . 4.40 19.79 4.10
C2 NAG D . 5.50 20.79 4.47
C3 NAG D . 5.76 20.81 5.98
C4 NAG D . 4.44 20.94 6.76
C5 NAG D . 3.49 19.84 6.28
C6 NAG D . 2.12 19.88 6.91
C7 NAG D . 7.01 21.13 2.60
C8 NAG D . 7.91 20.41 1.63
N2 NAG D . 6.69 20.46 3.71
O3 NAG D . 6.63 21.88 6.30
O4 NAG D . 4.72 20.89 8.16
O5 NAG D . 3.24 20.00 4.88
O6 NAG D . 1.49 21.12 6.60
O7 NAG D . 6.59 22.25 2.38
C1 NAG E . 9.99 -6.39 -22.83
C2 NAG E . 11.04 -6.92 -21.86
C3 NAG E . 12.32 -7.23 -22.63
C4 NAG E . 12.05 -8.12 -23.84
C5 NAG E . 10.95 -7.51 -24.72
C6 NAG E . 10.51 -8.39 -25.87
C7 NAG E . 10.75 -6.03 -19.58
C8 NAG E . 10.45 -4.71 -18.94
N2 NAG E . 11.29 -5.96 -20.81
O3 NAG E . 13.23 -7.83 -21.73
O4 NAG E . 13.26 -8.24 -24.60
O5 NAG E . 9.78 -7.30 -23.90
O6 NAG E . 9.95 -9.61 -25.39
O7 NAG E . 10.53 -7.09 -19.02
CHA HEM F . -5.99 7.52 -13.51
CHB HEM F . -10.03 9.80 -12.28
CHC HEM F . -8.59 9.77 -7.61
CHD HEM F . -4.45 7.70 -8.99
C1A HEM F . -7.25 8.07 -13.57
C2A HEM F . -8.06 8.06 -14.74
C3A HEM F . -9.23 8.69 -14.40
C4A HEM F . -9.09 9.09 -13.03
CMA HEM F . -10.42 8.97 -15.26
CAA HEM F . -7.76 7.42 -16.09
CBA HEM F . -6.74 8.21 -16.89
CGA HEM F . -6.36 7.44 -18.12
O1A HEM F . -5.78 8.06 -19.02
O2A HEM F . -6.70 6.23 -18.25
C1B HEM F . -9.99 10.03 -10.89
C2B HEM F . -11.00 10.75 -10.16
C3B HEM F . -10.58 10.79 -8.87
C4B HEM F . -9.29 10.04 -8.80
CMB HEM F . -12.27 11.37 -10.73
CAB HEM F . -11.44 11.29 -7.76
CBB HEM F . -11.66 10.42 -6.79
C1C HEM F . -7.36 9.13 -7.56
C2C HEM F . -6.63 8.87 -6.36
C3C HEM F . -5.45 8.32 -6.77
C4C HEM F . -5.47 8.20 -8.20
CMC HEM F . -7.10 9.14 -4.94
CAC HEM F . -4.48 7.84 -5.79
CBC HEM F . -3.84 6.75 -6.09
C1D HEM F . -4.56 7.55 -10.36
C2D HEM F . -3.45 6.92 -11.14
C3D HEM F . -3.91 6.85 -12.40
C4D HEM F . -5.25 7.43 -12.36
CMD HEM F . -2.09 6.46 -10.65
CAD HEM F . -3.16 6.35 -13.62
CBD HEM F . -3.72 4.98 -14.04
CGD HEM F . -3.36 4.79 -15.50
O1D HEM F . -4.09 5.28 -16.39
O2D HEM F . -2.30 4.19 -15.78
NA HEM F . -7.89 8.66 -12.51
NB HEM F . -9.02 9.65 -10.05
NC HEM F . -6.67 8.69 -8.65
ND HEM F . -5.62 7.80 -11.12
FE HEM F . -7.26 8.71 -10.63
C01 C14 G . -9.92 -7.02 -5.06
C02 C14 G . -8.53 -6.44 -4.82
C03 C14 G . -8.36 -5.04 -5.35
C04 C14 G . -8.98 -3.96 -4.49
C05 C14 G . -10.33 -3.46 -4.94
C06 C14 G . -10.43 -3.11 -6.41
C07 C14 G . -9.66 -1.88 -6.83
C08 C14 G . -9.60 -0.79 -5.79
C09 C14 G . -8.20 -0.57 -5.23
C10 C14 G . -7.47 0.61 -5.81
C11 C14 G . -8.33 1.53 -6.65
C12 C14 G . -7.59 2.59 -7.40
C13 C14 G . -8.42 3.24 -8.47
C14 C14 G . -7.73 4.44 -9.12
C1 GOL H . 8.60 9.57 -16.86
O1 GOL H . 7.86 10.74 -17.21
C2 GOL H . 8.01 8.33 -17.51
O2 GOL H . 7.25 7.59 -16.56
C3 GOL H . 7.17 8.64 -18.74
O3 GOL H . 6.91 7.48 -19.52
C1 PEG I . -2.93 30.57 -5.98
O1 PEG I . -4.23 31.14 -5.93
C2 PEG I . -2.37 30.33 -4.61
O2 PEG I . -1.68 29.08 -4.57
C3 PEG I . -0.47 29.06 -5.34
C4 PEG I . 0.39 27.93 -4.87
O4 PEG I . 1.46 27.62 -5.77
C1 PEG J . -25.67 -2.26 -19.14
O1 PEG J . -26.74 -2.17 -20.07
C2 PEG J . -25.43 -1.04 -18.32
O2 PEG J . -26.35 -0.97 -17.24
C3 PEG J . -26.44 0.31 -16.63
C4 PEG J . -26.62 1.40 -17.62
O4 PEG J . -26.62 2.68 -17.03
C1 PEG K . -24.33 18.26 -1.29
O1 PEG K . -25.53 17.67 -1.77
C2 PEG K . -23.29 17.22 -0.88
O2 PEG K . -22.26 17.80 -0.08
C3 PEG K . -22.78 18.34 1.14
C4 PEG K . -21.71 19.01 1.96
O4 PEG K . -21.02 20.01 1.25
MG MG L . -1.14 4.21 -17.62
S SO4 M . 8.81 15.81 -7.29
O1 SO4 M . 8.18 16.46 -6.16
O2 SO4 M . 8.99 16.77 -8.34
O3 SO4 M . 10.11 15.30 -6.87
O4 SO4 M . 7.98 14.71 -7.79
C MOH N . 7.32 24.73 -4.35
O MOH N . 6.49 25.87 -4.37
C1 NAG O . 25.87 -19.73 15.17
C2 NAG O . 27.03 -19.79 14.18
C3 NAG O . 27.47 -21.24 13.99
C4 NAG O . 27.83 -21.86 15.33
C5 NAG O . 26.67 -21.67 16.31
C6 NAG O . 27.01 -22.15 17.71
C7 NAG O . 27.02 -17.97 12.50
C8 NAG O . 26.37 -17.50 11.24
N2 NAG O . 26.74 -19.23 12.87
O3 NAG O . 28.57 -21.29 13.09
O4 NAG O . 28.02 -23.26 15.14
O5 NAG O . 26.30 -20.28 16.41
O6 NAG O . 27.90 -21.25 18.38
O7 NAG O . 27.79 -17.25 13.13
C1 NAG P . -8.48 -23.32 1.78
C2 NAG P . -9.61 -22.30 1.74
C3 NAG P . -10.90 -23.01 1.34
C4 NAG P . -10.70 -23.79 0.05
C5 NAG P . -9.51 -24.74 0.15
C6 NAG P . -9.19 -25.46 -1.15
C7 NAG P . -9.68 -21.88 4.20
C8 NAG P . -9.14 -20.88 5.18
N2 NAG P . -9.75 -21.47 2.93
O3 NAG P . -11.93 -22.03 1.19
O4 NAG P . -11.88 -24.55 -0.24
O5 NAG P . -8.34 -23.99 0.54
O6 NAG P . -8.60 -24.59 -2.13
O7 NAG P . -10.03 -23.02 4.54
C1 NAG Q . -8.47 7.05 15.28
C2 NAG Q . -9.15 7.64 14.04
C3 NAG Q . -10.65 7.52 14.16
C4 NAG Q . -11.02 6.05 14.26
C5 NAG Q . -10.25 5.43 15.42
C6 NAG Q . -10.44 3.93 15.54
C7 NAG Q . -7.82 9.47 13.05
C8 NAG Q . -8.17 10.15 11.76
N2 NAG Q . -8.87 9.02 13.73
O3 NAG Q . -11.31 8.15 13.06
O4 NAG Q . -12.42 5.92 14.46
O5 NAG Q . -8.83 5.67 15.28
O6 NAG Q . -9.56 3.38 16.54
O7 NAG Q . -6.65 9.39 13.46
CHA HEM R . 6.18 -9.27 12.59
CHB HEM R . 9.98 -7.00 14.52
CHC HEM R . 8.47 -2.84 12.50
CHD HEM R . 4.51 -5.08 10.92
C1A HEM R . 7.38 -9.00 13.19
C2A HEM R . 8.22 -10.01 13.68
C3A HEM R . 9.29 -9.38 14.24
C4A HEM R . 9.12 -7.98 14.09
CMA HEM R . 10.48 -10.03 14.89
CAA HEM R . 8.02 -11.52 13.58
CBA HEM R . 7.02 -12.04 14.63
CGA HEM R . 6.73 -13.51 14.33
O1A HEM R . 7.13 -14.13 13.27
O2A HEM R . 6.09 -14.14 15.21
C1B HEM R . 9.87 -5.65 14.15
C2B HEM R . 10.83 -4.69 14.51
C3B HEM R . 10.46 -3.51 13.96
C4B HEM R . 9.18 -3.79 13.24
CMB HEM R . 12.08 -4.84 15.34
CAB HEM R . 11.19 -2.26 14.22
CBB HEM R . 10.46 -1.21 14.54
C1C HEM R . 7.28 -3.09 11.84
C2C HEM R . 6.52 -2.14 11.11
C3C HEM R . 5.42 -2.80 10.64
C4C HEM R . 5.47 -4.13 11.13
CMC HEM R . 6.90 -0.72 10.83
CAC HEM R . 4.22 -2.29 9.95
CBC HEM R . 3.77 -1.07 10.21
C1D HEM R . 4.67 -6.42 11.30
C2D HEM R . 3.65 -7.43 10.97
C3D HEM R . 4.13 -8.57 11.43
C4D HEM R . 5.42 -8.27 12.03
CMD HEM R . 2.34 -7.24 10.28
CAD HEM R . 3.50 -9.94 11.35
CBD HEM R . 4.11 -10.84 10.29
CGD HEM R . 3.81 -12.26 10.68
O1D HEM R . 4.55 -12.84 11.53
O2D HEM R . 2.83 -12.83 10.17
NA HEM R . 7.95 -7.77 13.42
NB HEM R . 8.91 -5.10 13.37
NC HEM R . 6.63 -4.27 11.85
ND HEM R . 5.74 -6.96 11.94
FE HEM R . 7.22 -6.07 12.65
C01 C14 S . 7.57 -5.08 8.14
C02 C14 S . 8.87 -5.46 7.45
C03 C14 S . 8.74 -5.64 5.97
C04 C14 S . 7.34 -5.41 5.38
C05 C14 S . 7.29 -4.66 4.07
C06 C14 S . 8.52 -4.83 3.22
C07 C14 S . 8.40 -4.21 1.86
C08 C14 S . 8.82 -5.12 0.74
C09 C14 S . 10.20 -5.73 0.91
C10 C14 S . 11.21 -5.31 -0.15
C11 C14 S . 12.42 -4.57 0.34
C12 C14 S . 12.67 -4.59 1.85
C13 C14 S . 13.72 -5.55 2.36
C14 C14 S . 14.77 -5.98 1.35
C1 PEG T . 16.90 5.14 0.78
O1 PEG T . 16.81 5.86 1.98
C2 PEG T . 16.19 3.84 0.84
O2 PEG T . 14.79 4.05 0.96
C3 PEG T . 14.03 2.84 0.87
C4 PEG T . 14.21 2.22 -0.48
O4 PEG T . 13.58 0.96 -0.60
C1 GOL U . 20.44 -23.96 24.49
O1 GOL U . 21.21 -25.10 24.17
C2 GOL U . 20.91 -23.37 25.79
O2 GOL U . 22.06 -24.11 26.20
C3 GOL U . 21.28 -21.91 25.73
O3 GOL U . 20.22 -21.05 26.16
MG MG V . 1.68 -14.57 10.78
S SO4 W . 3.34 7.61 29.51
O1 SO4 W . 4.02 8.82 29.99
O2 SO4 W . 2.41 7.97 28.46
O3 SO4 W . 2.62 6.98 30.61
O4 SO4 W . 4.32 6.68 28.96
#